data_2UY2
#
_entry.id   2UY2
#
_cell.length_a   73.630
_cell.length_b   112.835
_cell.length_c   37.346
_cell.angle_alpha   90.00
_cell.angle_beta   90.00
_cell.angle_gamma   90.00
#
_symmetry.space_group_name_H-M   'P 21 21 2'
#
loop_
_entity.id
_entity.type
_entity.pdbx_description
1 polymer ENDOCHITINASE
2 non-polymer GLYCEROL
3 water water
#
_entity_poly.entity_id   1
_entity_poly.type   'polypeptide(L)'
_entity_poly.pdbx_seq_one_letter_code
;DRSANTNIAVYWGQNSAGTQESLATYCESSDADIFLLSFLNQFPTLGLNFANACSDTFSDGLLHCTQIAEDIETCQSLGK
KVLLSLGGASGSYLFSDDSQAETFAQTLWDTFGEGTGASERPFDSAVVDGFDFDIENNNEVGYSALATKLRTLFAEGTKQ
YYLSAAPQCPYPDASVGDLLENADIDFAFIQFYNNYCSVSGQFNWDTWLTYAQTVSPNKNIKLFLGLPGSASAAGSGYIS
DTSLLESTIADIASSSSFGGIALWDASQAFSNELNGEPYVEILKNLLTSASQTA
;
_entity_poly.pdbx_strand_id   A
#
loop_
_chem_comp.id
_chem_comp.type
_chem_comp.name
_chem_comp.formula
GOL non-polymer GLYCEROL 'C3 H8 O3'
#
# COMPACT_ATOMS: atom_id res chain seq x y z
N ALA A 4 -3.57 12.95 -9.61
CA ALA A 4 -2.29 13.66 -9.34
C ALA A 4 -1.09 12.80 -9.68
N ASN A 5 0.03 13.47 -9.92
CA ASN A 5 1.31 12.79 -10.15
C ASN A 5 2.30 13.21 -9.10
N THR A 6 1.81 13.60 -7.93
CA THR A 6 2.65 14.14 -6.88
C THR A 6 2.39 13.45 -5.52
N ASN A 7 1.66 12.32 -5.49
CA ASN A 7 1.34 11.69 -4.19
C ASN A 7 2.47 10.84 -3.63
N ILE A 8 2.64 10.90 -2.32
CA ILE A 8 3.58 10.01 -1.62
C ILE A 8 2.76 9.00 -0.82
N ALA A 9 3.05 7.70 -1.02
CA ALA A 9 2.43 6.65 -0.21
C ALA A 9 3.47 6.06 0.70
N VAL A 10 3.12 5.86 1.96
CA VAL A 10 4.08 5.19 2.88
C VAL A 10 3.41 4.00 3.55
N TYR A 11 4.13 2.88 3.62
CA TYR A 11 3.73 1.77 4.48
C TYR A 11 4.04 2.14 5.95
N TRP A 12 3.17 1.74 6.88
CA TRP A 12 3.42 1.97 8.29
C TRP A 12 2.91 0.75 9.04
N GLY A 13 3.61 0.38 10.10
CA GLY A 13 3.10 -0.67 10.98
C GLY A 13 4.16 -1.68 11.36
N GLN A 14 5.12 -1.92 10.44
CA GLN A 14 6.09 -2.98 10.69
C GLN A 14 7.41 -2.49 11.25
N ASN A 15 7.50 -1.20 11.52
CA ASN A 15 8.66 -0.67 12.27
C ASN A 15 10.00 -1.11 11.68
N SER A 16 10.17 -0.90 10.39
CA SER A 16 11.43 -1.25 9.72
C SER A 16 12.63 -0.58 10.41
N ALA A 17 12.48 0.68 10.84
CA ALA A 17 13.60 1.44 11.42
C ALA A 17 13.84 1.20 12.91
N GLY A 18 12.88 0.55 13.59
CA GLY A 18 12.98 0.36 15.04
C GLY A 18 12.29 1.49 15.81
N THR A 19 12.36 2.69 15.24
CA THR A 19 11.90 3.92 15.93
C THR A 19 10.51 4.40 15.49
N GLN A 20 9.71 3.50 14.92
CA GLN A 20 8.40 3.87 14.43
C GLN A 20 7.59 4.58 15.48
N GLU A 21 7.08 5.76 15.10
CA GLU A 21 6.15 6.51 15.94
C GLU A 21 4.68 6.18 15.57
N SER A 22 3.74 6.82 16.27
CA SER A 22 2.35 6.52 16.00
C SER A 22 1.97 6.88 14.57
N LEU A 23 0.92 6.22 14.07
CA LEU A 23 0.44 6.55 12.71
C LEU A 23 0.15 8.06 12.59
N ALA A 24 -0.54 8.62 13.60
CA ALA A 24 -0.95 10.05 13.48
C ALA A 24 0.27 10.96 13.38
N THR A 25 1.38 10.58 14.05
CA THR A 25 2.60 11.38 14.00
C THR A 25 3.03 11.60 12.54
N TYR A 26 2.93 10.53 11.74
CA TYR A 26 3.30 10.66 10.33
C TYR A 26 2.25 11.40 9.52
N CYS A 27 0.97 11.22 9.86
CA CYS A 27 -0.06 11.98 9.12
C CYS A 27 0.00 13.48 9.37
N GLU A 28 0.55 13.86 10.50
CA GLU A 28 0.70 15.28 10.88
C GLU A 28 2.00 15.86 10.29
N SER A 29 2.72 15.03 9.54
CA SER A 29 4.00 15.42 8.98
C SER A 29 3.89 16.30 7.75
N SER A 30 2.87 16.05 6.92
CA SER A 30 2.64 16.80 5.65
C SER A 30 3.47 16.35 4.38
N ASP A 31 4.41 15.44 4.60
CA ASP A 31 5.23 14.85 3.55
C ASP A 31 4.55 13.67 2.85
N ALA A 32 3.52 13.09 3.45
CA ALA A 32 2.90 11.89 2.86
C ALA A 32 1.37 12.02 2.71
N ASP A 33 0.82 11.32 1.73
CA ASP A 33 -0.60 11.49 1.39
C ASP A 33 -1.44 10.24 1.65
N ILE A 34 -0.82 9.06 1.45
CA ILE A 34 -1.52 7.77 1.52
C ILE A 34 -0.74 6.89 2.46
N PHE A 35 -1.44 6.23 3.38
CA PHE A 35 -0.82 5.42 4.43
C PHE A 35 -1.34 4.00 4.32
N LEU A 36 -0.43 3.03 4.26
CA LEU A 36 -0.82 1.62 4.08
C LEU A 36 -0.50 0.90 5.38
N LEU A 37 -1.55 0.53 6.11
CA LEU A 37 -1.36 -0.16 7.40
C LEU A 37 -0.89 -1.60 7.20
N SER A 38 0.28 -1.90 7.75
CA SER A 38 0.98 -3.15 7.46
C SER A 38 1.09 -3.96 8.76
N PHE A 39 0.37 -5.08 8.92
CA PHE A 39 -0.43 -5.77 7.89
C PHE A 39 -1.59 -6.55 8.52
N LEU A 40 -2.65 -6.78 7.74
CA LEU A 40 -3.55 -7.94 7.99
C LEU A 40 -2.77 -9.13 7.43
N ASN A 41 -2.06 -9.83 8.31
CA ASN A 41 -1.08 -10.81 7.86
C ASN A 41 -1.62 -12.23 7.94
N GLN A 42 -2.89 -12.36 8.31
CA GLN A 42 -3.48 -13.70 8.43
C GLN A 42 -4.93 -13.64 7.98
N PHE A 43 -5.30 -14.54 7.07
CA PHE A 43 -6.68 -14.61 6.54
C PHE A 43 -6.83 -15.88 5.74
N PRO A 44 -8.06 -16.37 5.54
CA PRO A 44 -9.37 -15.83 6.00
C PRO A 44 -9.58 -15.71 7.51
N THR A 45 -9.00 -16.60 8.31
CA THR A 45 -9.14 -16.47 9.77
C THR A 45 -8.31 -15.24 10.15
N LEU A 46 -8.96 -14.19 10.63
CA LEU A 46 -8.31 -12.88 10.70
C LEU A 46 -7.19 -12.77 11.73
N GLY A 47 -6.10 -12.10 11.32
CA GLY A 47 -5.01 -11.80 12.24
C GLY A 47 -4.31 -10.55 11.70
N LEU A 48 -3.99 -9.64 12.63
CA LEU A 48 -3.29 -8.37 12.33
C LEU A 48 -1.94 -8.38 13.06
N ASN A 49 -1.00 -7.61 12.53
CA ASN A 49 0.27 -7.39 13.19
C ASN A 49 0.71 -5.98 12.88
N PHE A 50 0.94 -5.18 13.92
CA PHE A 50 1.49 -3.81 13.76
C PHE A 50 2.68 -3.59 14.68
N ALA A 51 3.52 -4.61 14.75
CA ALA A 51 4.73 -4.58 15.60
C ALA A 51 4.36 -3.99 16.97
N ASN A 52 5.12 -2.99 17.44
CA ASN A 52 4.91 -2.43 18.80
C ASN A 52 3.73 -1.47 18.93
N ALA A 53 3.03 -1.23 17.83
CA ALA A 53 2.02 -0.17 17.81
C ALA A 53 0.64 -0.60 18.29
N CYS A 54 0.47 -1.90 18.51
CA CYS A 54 -0.80 -2.40 19.02
C CYS A 54 -0.58 -3.77 19.65
N SER A 55 -1.01 -3.92 20.89
CA SER A 55 -0.77 -5.17 21.62
C SER A 55 -2.05 -5.77 22.21
N ASP A 56 -3.02 -4.91 22.51
CA ASP A 56 -4.26 -5.38 23.09
C ASP A 56 -5.01 -6.26 22.11
N THR A 57 -5.82 -7.16 22.66
CA THR A 57 -6.60 -8.03 21.83
C THR A 57 -8.03 -8.16 22.36
N PHE A 58 -8.91 -8.60 21.48
CA PHE A 58 -10.17 -9.21 21.91
C PHE A 58 -9.86 -10.53 22.61
N SER A 59 -10.87 -11.09 23.27
CA SER A 59 -10.63 -12.36 23.99
C SER A 59 -10.11 -13.47 23.06
N ASP A 60 -10.59 -13.49 21.82
CA ASP A 60 -10.21 -14.51 20.85
C ASP A 60 -8.83 -14.27 20.18
N GLY A 61 -8.11 -13.26 20.65
CA GLY A 61 -6.77 -13.02 20.14
C GLY A 61 -6.62 -12.04 18.98
N LEU A 62 -7.75 -11.61 18.40
CA LEU A 62 -7.68 -10.67 17.27
C LEU A 62 -7.26 -9.32 17.83
N LEU A 63 -6.30 -8.68 17.18
CA LEU A 63 -5.83 -7.36 17.69
C LEU A 63 -6.97 -6.36 17.84
N HIS A 64 -6.89 -5.56 18.90
CA HIS A 64 -7.85 -4.52 19.15
C HIS A 64 -7.04 -3.25 19.41
N CYS A 65 -7.15 -2.25 18.52
CA CYS A 65 -6.16 -1.17 18.44
C CYS A 65 -6.81 0.19 18.53
N THR A 66 -7.07 0.63 19.76
CA THR A 66 -7.79 1.88 19.93
C THR A 66 -6.96 3.10 19.55
N GLN A 67 -5.64 3.07 19.78
CA GLN A 67 -4.81 4.21 19.37
C GLN A 67 -4.75 4.32 17.83
N ILE A 68 -4.53 3.19 17.17
CA ILE A 68 -4.58 3.22 15.70
C ILE A 68 -5.94 3.71 15.20
N ALA A 69 -7.03 3.27 15.82
CA ALA A 69 -8.37 3.72 15.44
C ALA A 69 -8.46 5.24 15.52
N GLU A 70 -8.04 5.79 16.65
CA GLU A 70 -8.05 7.24 16.84
C GLU A 70 -7.21 7.92 15.79
N ASP A 71 -6.04 7.33 15.51
CA ASP A 71 -5.13 7.90 14.51
C ASP A 71 -5.64 7.83 13.10
N ILE A 72 -6.37 6.76 12.76
CA ILE A 72 -6.97 6.70 11.42
C ILE A 72 -7.91 7.91 11.23
N GLU A 73 -8.73 8.19 12.25
CA GLU A 73 -9.64 9.32 12.18
C GLU A 73 -8.89 10.65 12.10
N THR A 74 -7.84 10.79 12.91
CA THR A 74 -7.04 12.03 12.84
C THR A 74 -6.46 12.21 11.43
N CYS A 75 -5.86 11.13 10.91
CA CYS A 75 -5.28 11.14 9.57
C CYS A 75 -6.29 11.60 8.55
N GLN A 76 -7.50 11.03 8.63
CA GLN A 76 -8.55 11.38 7.65
C GLN A 76 -9.01 12.82 7.79
N SER A 77 -9.13 13.32 9.02
CA SER A 77 -9.51 14.75 9.18
C SER A 77 -8.49 15.65 8.49
N LEU A 78 -7.23 15.19 8.46
CA LEU A 78 -6.15 15.97 7.83
C LEU A 78 -6.00 15.74 6.32
N GLY A 79 -6.96 15.00 5.75
CA GLY A 79 -6.99 14.76 4.32
C GLY A 79 -6.23 13.54 3.81
N LYS A 80 -5.66 12.76 4.73
CA LYS A 80 -4.91 11.58 4.34
C LYS A 80 -5.83 10.40 4.03
N LYS A 81 -5.36 9.49 3.19
CA LYS A 81 -6.08 8.25 2.94
C LYS A 81 -5.36 7.12 3.66
N VAL A 82 -6.11 6.22 4.28
CA VAL A 82 -5.48 5.17 5.08
C VAL A 82 -6.07 3.86 4.67
N LEU A 83 -5.26 3.03 3.99
CA LEU A 83 -5.74 1.72 3.52
C LEU A 83 -5.16 0.61 4.42
N LEU A 84 -5.91 -0.49 4.59
CA LEU A 84 -5.36 -1.63 5.29
C LEU A 84 -4.66 -2.52 4.26
N SER A 85 -3.37 -2.83 4.50
CA SER A 85 -2.62 -3.70 3.58
C SER A 85 -2.69 -5.15 4.04
N LEU A 86 -3.14 -6.01 3.11
CA LEU A 86 -3.24 -7.47 3.31
C LEU A 86 -1.93 -8.10 2.85
N GLY A 87 -1.39 -9.00 3.65
CA GLY A 87 -0.27 -9.83 3.19
C GLY A 87 0.99 -9.69 3.98
N GLY A 88 2.07 -9.40 3.26
CA GLY A 88 3.39 -9.32 3.86
C GLY A 88 4.06 -10.68 3.86
N ALA A 89 5.14 -10.80 4.63
CA ALA A 89 5.97 -12.00 4.56
C ALA A 89 5.56 -13.16 5.49
N SER A 90 4.38 -13.08 6.12
CA SER A 90 4.04 -14.05 7.19
C SER A 90 3.94 -15.51 6.78
N GLY A 91 3.58 -15.77 5.54
CA GLY A 91 3.24 -17.14 5.14
C GLY A 91 1.93 -17.65 5.76
N SER A 92 1.07 -16.74 6.22
CA SER A 92 -0.15 -17.22 6.91
CA SER A 92 -0.13 -17.15 6.96
C SER A 92 -1.47 -16.78 6.30
N TYR A 93 -1.52 -16.82 4.97
CA TYR A 93 -2.76 -16.47 4.27
C TYR A 93 -2.80 -17.16 2.93
N LEU A 94 -4.02 -17.43 2.46
CA LEU A 94 -4.26 -18.19 1.23
C LEU A 94 -5.77 -18.27 1.01
N PHE A 95 -6.22 -18.09 -0.23
CA PHE A 95 -7.58 -18.50 -0.63
C PHE A 95 -7.55 -19.81 -1.43
N SER A 96 -8.49 -20.69 -1.14
CA SER A 96 -8.58 -21.93 -1.89
C SER A 96 -9.32 -21.74 -3.21
N ASP A 97 -10.24 -20.79 -3.26
CA ASP A 97 -11.01 -20.49 -4.46
C ASP A 97 -11.66 -19.11 -4.41
N ASP A 98 -12.29 -18.76 -5.54
CA ASP A 98 -12.95 -17.46 -5.72
C ASP A 98 -14.12 -17.25 -4.77
N SER A 99 -14.95 -18.29 -4.58
CA SER A 99 -16.08 -18.18 -3.66
C SER A 99 -15.62 -17.84 -2.24
N GLN A 100 -14.56 -18.50 -1.76
CA GLN A 100 -14.01 -18.19 -0.42
C GLN A 100 -13.57 -16.71 -0.34
N ALA A 101 -12.92 -16.23 -1.39
CA ALA A 101 -12.49 -14.83 -1.46
C ALA A 101 -13.65 -13.85 -1.53
N GLU A 102 -14.72 -14.22 -2.24
CA GLU A 102 -15.92 -13.37 -2.28
C GLU A 102 -16.58 -13.27 -0.91
N THR A 103 -16.63 -14.38 -0.17
CA THR A 103 -17.14 -14.34 1.22
C THR A 103 -16.26 -13.37 2.01
N PHE A 104 -14.95 -13.45 1.80
CA PHE A 104 -14.04 -12.63 2.55
C PHE A 104 -14.20 -11.13 2.28
N ALA A 105 -14.65 -10.77 1.07
CA ALA A 105 -14.96 -9.35 0.80
C ALA A 105 -15.98 -8.83 1.81
N GLN A 106 -17.05 -9.59 2.03
CA GLN A 106 -18.05 -9.23 3.01
C GLN A 106 -17.42 -9.10 4.39
N THR A 107 -16.56 -10.06 4.75
CA THR A 107 -15.89 -10.02 6.03
C THR A 107 -15.10 -8.72 6.21
N LEU A 108 -14.31 -8.34 5.21
CA LEU A 108 -13.53 -7.10 5.30
C LEU A 108 -14.43 -5.89 5.43
N TRP A 109 -15.53 -5.89 4.66
CA TRP A 109 -16.44 -4.77 4.66
C TRP A 109 -17.05 -4.57 6.05
N ASP A 110 -17.48 -5.67 6.67
CA ASP A 110 -18.11 -5.60 7.98
C ASP A 110 -17.11 -5.38 9.12
N THR A 111 -15.85 -5.79 8.92
CA THR A 111 -14.87 -5.74 9.99
C THR A 111 -14.12 -4.41 9.96
N PHE A 112 -13.85 -3.91 8.74
CA PHE A 112 -13.01 -2.70 8.58
C PHE A 112 -13.68 -1.55 7.86
N GLY A 113 -14.69 -1.87 7.05
CA GLY A 113 -15.38 -0.84 6.22
C GLY A 113 -16.65 -0.33 6.89
N GLU A 114 -17.62 0.08 6.08
CA GLU A 114 -18.91 0.60 6.58
C GLU A 114 -19.99 -0.48 6.67
N GLY A 115 -19.59 -1.75 6.46
CA GLY A 115 -20.48 -2.88 6.67
C GLY A 115 -21.10 -2.83 8.06
N THR A 116 -22.37 -3.25 8.13
CA THR A 116 -23.15 -3.23 9.37
C THR A 116 -23.29 -4.64 9.99
N GLY A 117 -22.66 -5.64 9.38
CA GLY A 117 -22.72 -7.02 9.87
C GLY A 117 -21.97 -7.05 11.20
N ALA A 118 -22.59 -7.63 12.24
CA ALA A 118 -22.04 -7.60 13.59
C ALA A 118 -20.75 -8.43 13.68
N SER A 119 -19.62 -7.75 13.88
CA SER A 119 -18.30 -8.37 13.87
C SER A 119 -17.41 -7.63 14.86
N GLU A 120 -16.36 -8.29 15.33
CA GLU A 120 -15.37 -7.60 16.12
C GLU A 120 -14.61 -6.65 15.21
N ARG A 121 -14.49 -5.41 15.66
CA ARG A 121 -13.81 -4.38 14.87
C ARG A 121 -12.52 -3.93 15.51
N PRO A 122 -11.38 -4.34 14.93
CA PRO A 122 -10.07 -3.97 15.52
C PRO A 122 -9.89 -2.47 15.65
N PHE A 123 -10.55 -1.69 14.79
CA PHE A 123 -10.40 -0.22 14.85
C PHE A 123 -11.72 0.45 15.27
N ASP A 124 -12.56 -0.29 16.01
CA ASP A 124 -13.77 0.30 16.58
C ASP A 124 -14.58 1.00 15.45
N SER A 125 -14.99 2.24 15.65
CA SER A 125 -15.82 2.90 14.65
CA SER A 125 -15.83 2.94 14.67
C SER A 125 -15.03 3.60 13.54
N ALA A 126 -13.68 3.56 13.61
CA ALA A 126 -12.88 4.10 12.50
C ALA A 126 -13.12 3.21 11.28
N VAL A 127 -13.08 3.83 10.11
CA VAL A 127 -13.34 3.11 8.85
C VAL A 127 -12.18 3.34 7.90
N VAL A 128 -11.52 2.26 7.46
CA VAL A 128 -10.42 2.43 6.50
C VAL A 128 -10.90 3.03 5.17
N ASP A 129 -9.95 3.55 4.38
CA ASP A 129 -10.32 4.13 3.05
C ASP A 129 -10.20 3.13 1.91
N GLY A 130 -9.94 1.88 2.27
CA GLY A 130 -9.78 0.82 1.29
C GLY A 130 -8.72 -0.17 1.71
N PHE A 131 -8.23 -0.92 0.71
CA PHE A 131 -7.32 -2.07 0.96
C PHE A 131 -6.23 -2.14 -0.06
N ASP A 132 -5.04 -2.49 0.44
CA ASP A 132 -3.85 -2.73 -0.40
C ASP A 132 -3.59 -4.21 -0.38
N PHE A 133 -3.18 -4.74 -1.54
CA PHE A 133 -2.86 -6.16 -1.65
C PHE A 133 -1.36 -6.33 -1.82
N ASP A 134 -0.68 -6.58 -0.70
CA ASP A 134 0.76 -6.86 -0.74
CA ASP A 134 0.75 -6.82 -0.72
C ASP A 134 0.98 -8.33 -0.55
N ILE A 135 0.51 -9.10 -1.53
CA ILE A 135 0.58 -10.55 -1.48
C ILE A 135 2.00 -10.96 -1.87
N GLU A 136 2.62 -11.81 -1.04
CA GLU A 136 4.03 -12.18 -1.24
C GLU A 136 4.30 -13.68 -1.36
N ASN A 137 3.25 -14.48 -1.41
CA ASN A 137 3.42 -15.93 -1.35
C ASN A 137 3.32 -16.64 -2.69
N ASN A 138 3.28 -15.86 -3.76
CA ASN A 138 3.18 -16.41 -5.14
C ASN A 138 1.97 -17.31 -5.41
N ASN A 139 0.90 -17.06 -4.65
CA ASN A 139 -0.36 -17.73 -4.91
C ASN A 139 -1.40 -16.65 -5.19
N GLU A 140 -1.94 -16.66 -6.41
CA GLU A 140 -2.79 -15.57 -6.88
C GLU A 140 -4.27 -15.82 -6.70
N VAL A 141 -4.64 -16.99 -6.16
CA VAL A 141 -6.04 -17.38 -6.13
C VAL A 141 -6.90 -16.37 -5.37
N GLY A 142 -8.00 -15.97 -5.98
CA GLY A 142 -9.06 -15.25 -5.28
C GLY A 142 -8.98 -13.74 -5.23
N TYR A 143 -7.80 -13.14 -5.38
CA TYR A 143 -7.71 -11.70 -5.17
C TYR A 143 -8.51 -10.88 -6.16
N SER A 144 -8.54 -11.27 -7.42
CA SER A 144 -9.32 -10.50 -8.37
CA SER A 144 -9.34 -10.53 -8.39
C SER A 144 -10.81 -10.56 -8.02
N ALA A 145 -11.30 -11.75 -7.63
CA ALA A 145 -12.71 -11.93 -7.25
C ALA A 145 -13.02 -11.10 -5.99
N LEU A 146 -12.07 -11.09 -5.07
CA LEU A 146 -12.21 -10.31 -3.82
C LEU A 146 -12.31 -8.82 -4.13
N ALA A 147 -11.40 -8.32 -4.96
CA ALA A 147 -11.43 -6.91 -5.32
C ALA A 147 -12.74 -6.51 -6.01
N THR A 148 -13.14 -7.32 -6.98
CA THR A 148 -14.38 -7.11 -7.71
C THR A 148 -15.62 -7.10 -6.79
N LYS A 149 -15.67 -8.03 -5.84
CA LYS A 149 -16.77 -8.03 -4.86
C LYS A 149 -16.74 -6.81 -3.92
N LEU A 150 -15.55 -6.44 -3.44
CA LEU A 150 -15.43 -5.22 -2.65
C LEU A 150 -16.02 -4.02 -3.36
N ARG A 151 -15.73 -3.85 -4.66
CA ARG A 151 -16.26 -2.71 -5.41
C ARG A 151 -17.78 -2.63 -5.32
N THR A 152 -18.43 -3.78 -5.40
CA THR A 152 -19.90 -3.79 -5.28
C THR A 152 -20.31 -3.33 -3.89
N LEU A 153 -19.60 -3.79 -2.86
CA LEU A 153 -19.96 -3.42 -1.50
C LEU A 153 -19.74 -1.94 -1.18
N PHE A 154 -18.72 -1.35 -1.80
CA PHE A 154 -18.35 0.03 -1.51
C PHE A 154 -19.51 1.02 -1.80
N ALA A 155 -20.41 0.67 -2.72
CA ALA A 155 -21.58 1.51 -3.06
C ALA A 155 -22.49 1.78 -1.83
N GLU A 156 -22.40 0.87 -0.84
CA GLU A 156 -23.18 0.98 0.39
C GLU A 156 -22.61 2.06 1.31
N GLY A 157 -21.36 2.43 1.05
CA GLY A 157 -20.64 3.35 1.94
C GLY A 157 -20.95 4.80 1.61
N THR A 158 -20.26 5.70 2.31
CA THR A 158 -20.60 7.11 2.24
C THR A 158 -19.37 7.98 1.88
N LYS A 159 -18.34 7.31 1.39
CA LYS A 159 -17.13 7.99 0.93
C LYS A 159 -16.54 7.16 -0.21
N GLN A 160 -15.55 7.74 -0.91
CA GLN A 160 -14.80 6.98 -1.91
C GLN A 160 -13.85 5.98 -1.23
N TYR A 161 -13.79 4.79 -1.82
CA TYR A 161 -12.84 3.76 -1.37
C TYR A 161 -11.83 3.46 -2.46
N TYR A 162 -10.66 2.99 -2.04
CA TYR A 162 -9.53 2.74 -2.94
C TYR A 162 -9.04 1.29 -2.80
N LEU A 163 -8.62 0.68 -3.92
CA LEU A 163 -7.91 -0.59 -3.89
C LEU A 163 -6.55 -0.39 -4.53
N SER A 164 -5.54 -0.98 -3.91
CA SER A 164 -4.19 -0.91 -4.47
C SER A 164 -3.55 -2.28 -4.44
N ALA A 165 -2.46 -2.42 -5.19
CA ALA A 165 -1.64 -3.63 -5.13
C ALA A 165 -0.17 -3.26 -5.08
N ALA A 166 0.66 -4.16 -4.53
CA ALA A 166 2.07 -3.89 -4.35
C ALA A 166 2.91 -4.97 -5.01
N PRO A 167 2.94 -4.98 -6.34
CA PRO A 167 3.81 -5.94 -7.04
C PRO A 167 5.26 -5.60 -6.87
N GLN A 168 6.14 -6.57 -7.11
CA GLN A 168 7.55 -6.27 -7.36
C GLN A 168 7.69 -5.91 -8.84
N CYS A 169 8.81 -5.32 -9.24
CA CYS A 169 8.88 -4.83 -10.62
C CYS A 169 8.89 -5.90 -11.73
N PRO A 170 9.38 -7.14 -11.45
CA PRO A 170 9.27 -8.12 -12.55
C PRO A 170 7.83 -8.30 -13.00
N TYR A 171 7.63 -8.29 -14.32
CA TYR A 171 6.28 -8.37 -14.87
C TYR A 171 6.14 -9.62 -15.73
N PRO A 172 5.06 -10.40 -15.54
CA PRO A 172 3.97 -10.18 -14.58
C PRO A 172 4.34 -10.63 -13.17
N ASP A 173 3.71 -9.98 -12.19
CA ASP A 173 3.99 -10.34 -10.81
C ASP A 173 3.32 -11.64 -10.43
N ALA A 174 4.07 -12.50 -9.75
CA ALA A 174 3.60 -13.85 -9.45
C ALA A 174 2.57 -13.93 -8.33
N SER A 175 2.37 -12.83 -7.59
CA SER A 175 1.35 -12.81 -6.52
C SER A 175 0.13 -11.94 -6.83
N VAL A 176 0.35 -10.75 -7.40
CA VAL A 176 -0.78 -9.84 -7.68
C VAL A 176 -0.99 -9.59 -9.18
N GLY A 177 -0.31 -10.35 -10.03
CA GLY A 177 -0.50 -10.15 -11.48
C GLY A 177 -1.94 -10.37 -11.94
N ASP A 178 -2.55 -11.46 -11.47
CA ASP A 178 -3.93 -11.73 -11.88
C ASP A 178 -4.85 -10.63 -11.40
N LEU A 179 -4.64 -10.18 -10.16
CA LEU A 179 -5.42 -9.08 -9.63
C LEU A 179 -5.29 -7.82 -10.49
N LEU A 180 -4.04 -7.48 -10.85
CA LEU A 180 -3.81 -6.27 -11.64
C LEU A 180 -4.40 -6.39 -13.05
N GLU A 181 -4.47 -7.62 -13.57
CA GLU A 181 -4.94 -7.81 -14.96
C GLU A 181 -6.47 -7.93 -15.06
N ASN A 182 -7.12 -8.25 -13.93
CA ASN A 182 -8.52 -8.65 -13.99
C ASN A 182 -9.47 -7.91 -13.06
N ALA A 183 -8.93 -7.01 -12.24
CA ALA A 183 -9.75 -6.19 -11.36
C ALA A 183 -9.46 -4.71 -11.58
N ASP A 184 -10.41 -3.87 -11.14
CA ASP A 184 -10.29 -2.43 -11.16
C ASP A 184 -9.47 -1.96 -9.95
N ILE A 185 -8.25 -1.52 -10.21
CA ILE A 185 -7.29 -1.14 -9.17
C ILE A 185 -6.97 0.35 -9.30
N ASP A 186 -6.94 1.07 -8.17
CA ASP A 186 -6.64 2.51 -8.19
C ASP A 186 -5.16 2.81 -8.31
N PHE A 187 -4.36 2.10 -7.51
CA PHE A 187 -2.93 2.36 -7.40
C PHE A 187 -2.12 1.07 -7.44
N ALA A 188 -1.02 1.12 -8.19
CA ALA A 188 0.05 0.06 -8.12
C ALA A 188 1.31 0.60 -7.53
N PHE A 189 1.66 0.06 -6.35
CA PHE A 189 2.87 0.48 -5.67
C PHE A 189 3.94 -0.53 -6.03
N ILE A 190 4.69 -0.21 -7.08
CA ILE A 190 5.63 -1.17 -7.68
C ILE A 190 7.00 -1.12 -7.02
N GLN A 191 7.43 -2.27 -6.48
CA GLN A 191 8.71 -2.33 -5.79
C GLN A 191 9.86 -2.37 -6.80
N PHE A 192 10.54 -1.23 -6.98
CA PHE A 192 11.76 -1.16 -7.83
C PHE A 192 13.09 -1.31 -7.07
N TYR A 193 13.17 -2.35 -6.25
CA TYR A 193 14.43 -2.70 -5.56
C TYR A 193 14.38 -4.17 -5.18
N ASN A 194 15.54 -4.72 -4.80
CA ASN A 194 15.67 -6.15 -4.56
C ASN A 194 15.27 -7.02 -5.77
N ASN A 195 15.49 -6.46 -6.96
CA ASN A 195 15.12 -7.09 -8.22
C ASN A 195 15.98 -6.55 -9.35
N TYR A 196 16.05 -7.30 -10.44
CA TYR A 196 16.91 -6.98 -11.60
C TYR A 196 16.45 -5.66 -12.23
N CYS A 197 15.17 -5.35 -12.04
CA CYS A 197 14.53 -4.20 -12.68
C CYS A 197 14.48 -2.93 -11.83
N SER A 198 15.32 -2.87 -10.79
CA SER A 198 15.45 -1.66 -9.99
C SER A 198 15.89 -0.46 -10.86
N VAL A 199 15.81 0.74 -10.27
CA VAL A 199 16.14 1.96 -10.98
C VAL A 199 17.56 1.91 -11.57
N SER A 200 18.53 1.44 -10.79
CA SER A 200 19.93 1.35 -11.26
C SER A 200 20.26 0.06 -12.03
N GLY A 201 19.32 -0.89 -12.01
CA GLY A 201 19.40 -2.13 -12.80
C GLY A 201 18.77 -1.94 -14.17
N GLN A 202 18.02 -2.93 -14.66
CA GLN A 202 17.32 -2.79 -15.93
CA GLN A 202 17.31 -2.78 -15.93
C GLN A 202 15.90 -2.26 -15.68
N PHE A 203 15.82 -0.96 -15.34
CA PHE A 203 14.57 -0.30 -14.91
C PHE A 203 13.49 -0.52 -15.96
N ASN A 204 12.37 -1.12 -15.53
CA ASN A 204 11.32 -1.54 -16.47
C ASN A 204 10.01 -0.80 -16.29
N TRP A 205 10.11 0.49 -15.93
CA TRP A 205 8.93 1.33 -15.85
C TRP A 205 8.12 1.25 -17.15
N ASP A 206 8.81 1.18 -18.30
CA ASP A 206 8.14 1.12 -19.61
CA ASP A 206 8.09 1.17 -19.57
C ASP A 206 7.14 -0.02 -19.70
N THR A 207 7.50 -1.17 -19.14
CA THR A 207 6.62 -2.33 -19.16
C THR A 207 5.35 -2.04 -18.35
N TRP A 208 5.55 -1.46 -17.17
CA TRP A 208 4.43 -1.08 -16.30
C TRP A 208 3.51 -0.02 -16.95
N LEU A 209 4.09 0.90 -17.70
CA LEU A 209 3.32 1.85 -18.47
C LEU A 209 2.47 1.15 -19.55
N THR A 210 3.04 0.19 -20.25
CA THR A 210 2.26 -0.63 -21.20
C THR A 210 1.10 -1.35 -20.50
N TYR A 211 1.38 -1.93 -19.35
CA TYR A 211 0.35 -2.58 -18.55
C TYR A 211 -0.77 -1.56 -18.28
N ALA A 212 -0.40 -0.35 -17.83
CA ALA A 212 -1.45 0.61 -17.43
C ALA A 212 -2.32 1.00 -18.62
N GLN A 213 -1.69 1.14 -19.78
CA GLN A 213 -2.33 1.74 -20.95
C GLN A 213 -3.17 0.74 -21.73
N THR A 214 -2.84 -0.54 -21.60
CA THR A 214 -3.41 -1.56 -22.48
C THR A 214 -3.93 -2.82 -21.80
N VAL A 215 -3.53 -3.06 -20.54
CA VAL A 215 -3.96 -4.28 -19.84
C VAL A 215 -4.89 -4.01 -18.66
N SER A 216 -4.51 -3.05 -17.83
CA SER A 216 -5.25 -2.75 -16.61
C SER A 216 -6.72 -2.47 -16.96
N PRO A 217 -7.66 -3.22 -16.34
CA PRO A 217 -9.09 -2.90 -16.51
C PRO A 217 -9.39 -1.43 -16.19
N ASN A 218 -8.77 -0.88 -15.15
CA ASN A 218 -8.83 0.57 -14.95
C ASN A 218 -7.74 1.29 -15.78
N LYS A 219 -8.13 1.93 -16.88
CA LYS A 219 -7.17 2.64 -17.71
C LYS A 219 -6.51 3.83 -17.02
N ASN A 220 -7.17 4.32 -15.97
CA ASN A 220 -6.71 5.45 -15.22
CA ASN A 220 -6.67 5.46 -15.20
C ASN A 220 -5.90 5.05 -13.96
N ILE A 221 -5.48 3.77 -13.90
CA ILE A 221 -4.70 3.32 -12.77
C ILE A 221 -3.44 4.19 -12.62
N LYS A 222 -3.05 4.47 -11.37
CA LYS A 222 -1.86 5.26 -11.11
C LYS A 222 -0.70 4.37 -10.66
N LEU A 223 0.42 4.47 -11.36
CA LEU A 223 1.64 3.72 -11.05
C LEU A 223 2.55 4.52 -10.13
N PHE A 224 3.09 3.88 -9.11
CA PHE A 224 3.99 4.52 -8.17
C PHE A 224 5.36 3.87 -8.20
N LEU A 225 6.39 4.72 -8.15
CA LEU A 225 7.76 4.25 -8.05
C LEU A 225 8.01 3.85 -6.61
N GLY A 226 8.08 2.54 -6.32
CA GLY A 226 8.29 2.08 -4.94
C GLY A 226 9.74 1.92 -4.60
N LEU A 227 10.16 2.57 -3.51
CA LEU A 227 11.56 2.63 -3.09
C LEU A 227 11.75 2.31 -1.62
N PRO A 228 12.94 1.88 -1.23
CA PRO A 228 13.26 1.80 0.21
C PRO A 228 13.41 3.20 0.79
N GLY A 229 12.99 3.39 2.03
CA GLY A 229 13.06 4.69 2.68
C GLY A 229 14.43 5.08 3.24
N SER A 230 15.36 4.12 3.29
CA SER A 230 16.73 4.33 3.81
C SER A 230 17.60 3.20 3.33
N ALA A 231 18.90 3.32 3.61
CA ALA A 231 19.86 2.30 3.21
C ALA A 231 19.60 0.97 3.91
N SER A 232 19.01 1.03 5.10
CA SER A 232 18.78 -0.14 5.93
C SER A 232 17.35 -0.69 5.79
N ALA A 233 16.57 -0.07 4.90
CA ALA A 233 15.17 -0.49 4.69
C ALA A 233 15.07 -1.70 3.79
N ALA A 234 16.13 -1.94 3.01
CA ALA A 234 16.19 -3.18 2.22
C ALA A 234 17.63 -3.49 1.86
N GLY A 235 17.88 -4.72 1.41
CA GLY A 235 19.26 -5.18 1.16
C GLY A 235 19.97 -4.33 0.13
N SER A 236 19.22 -3.98 -0.92
CA SER A 236 19.75 -3.16 -2.02
C SER A 236 18.65 -2.25 -2.56
N GLY A 237 19.04 -1.27 -3.37
CA GLY A 237 18.04 -0.47 -4.11
C GLY A 237 17.72 0.89 -3.53
N TYR A 238 18.27 1.20 -2.36
CA TYR A 238 18.14 2.52 -1.81
C TYR A 238 18.86 3.55 -2.69
N ILE A 239 18.18 4.65 -3.00
CA ILE A 239 18.74 5.72 -3.85
C ILE A 239 19.01 6.99 -3.05
N SER A 240 20.30 7.27 -2.85
CA SER A 240 20.73 8.45 -2.10
C SER A 240 21.16 9.58 -3.04
N ASP A 241 21.30 9.25 -4.34
CA ASP A 241 21.70 10.21 -5.39
C ASP A 241 20.50 11.04 -5.83
N THR A 242 20.45 12.30 -5.39
CA THR A 242 19.30 13.16 -5.70
C THR A 242 19.20 13.54 -7.18
N SER A 243 20.32 13.52 -7.90
CA SER A 243 20.30 13.78 -9.34
CA SER A 243 20.28 13.79 -9.34
C SER A 243 19.63 12.62 -10.07
N LEU A 244 19.88 11.41 -9.58
CA LEU A 244 19.26 10.19 -10.12
C LEU A 244 17.76 10.19 -9.79
N LEU A 245 17.41 10.54 -8.56
CA LEU A 245 15.99 10.70 -8.22
C LEU A 245 15.36 11.72 -9.16
N GLU A 246 16.02 12.86 -9.36
CA GLU A 246 15.48 13.92 -10.19
C GLU A 246 15.28 13.49 -11.65
N SER A 247 16.26 12.80 -12.23
CA SER A 247 16.15 12.39 -13.63
C SER A 247 15.13 11.26 -13.84
N THR A 248 15.06 10.33 -12.88
CA THR A 248 14.07 9.25 -12.89
C THR A 248 12.65 9.84 -12.89
N ILE A 249 12.38 10.73 -11.93
CA ILE A 249 11.09 11.40 -11.84
C ILE A 249 10.77 12.18 -13.12
N ALA A 250 11.76 12.88 -13.69
CA ALA A 250 11.56 13.58 -14.95
C ALA A 250 11.13 12.64 -16.09
N ASP A 251 11.76 11.47 -16.17
CA ASP A 251 11.41 10.50 -17.20
C ASP A 251 9.96 10.03 -17.04
N ILE A 252 9.62 9.63 -15.82
CA ILE A 252 8.35 8.91 -15.61
C ILE A 252 7.13 9.81 -15.35
N ALA A 253 7.35 11.05 -14.93
CA ALA A 253 6.21 11.95 -14.66
C ALA A 253 5.52 12.47 -15.93
N SER A 254 6.08 12.10 -17.08
CA SER A 254 5.61 12.58 -18.39
C SER A 254 4.29 11.94 -18.88
N SER A 255 3.66 11.10 -18.06
CA SER A 255 2.41 10.49 -18.46
C SER A 255 1.34 10.62 -17.40
N SER A 256 0.08 10.49 -17.82
CA SER A 256 -1.07 10.58 -16.92
C SER A 256 -1.13 9.36 -16.00
N SER A 257 -0.33 8.35 -16.29
CA SER A 257 -0.29 7.12 -15.45
C SER A 257 0.60 7.23 -14.22
N PHE A 258 1.43 8.25 -14.14
CA PHE A 258 2.30 8.40 -12.97
C PHE A 258 1.54 8.97 -11.77
N GLY A 259 1.61 8.24 -10.65
CA GLY A 259 0.92 8.67 -9.42
C GLY A 259 1.81 9.29 -8.36
N GLY A 260 3.10 8.99 -8.38
CA GLY A 260 4.01 9.40 -7.30
C GLY A 260 4.96 8.29 -6.85
N ILE A 261 5.38 8.35 -5.59
CA ILE A 261 6.43 7.47 -5.04
C ILE A 261 5.82 6.76 -3.83
N ALA A 262 6.15 5.48 -3.68
CA ALA A 262 5.72 4.71 -2.51
C ALA A 262 6.95 4.30 -1.77
N LEU A 263 6.85 4.26 -0.44
CA LEU A 263 8.04 4.02 0.37
C LEU A 263 7.87 2.96 1.43
N TRP A 264 8.87 2.06 1.51
CA TRP A 264 8.96 1.09 2.63
C TRP A 264 10.07 1.57 3.59
N ASP A 265 9.74 2.08 4.77
CA ASP A 265 8.38 2.36 5.26
C ASP A 265 8.44 3.72 5.94
N ALA A 266 7.38 4.13 6.64
CA ALA A 266 7.35 5.47 7.21
C ALA A 266 8.50 5.65 8.21
N SER A 267 8.68 4.66 9.08
CA SER A 267 9.67 4.77 10.15
C SER A 267 11.04 5.06 9.53
N GLN A 268 11.29 4.45 8.36
CA GLN A 268 12.58 4.67 7.68
C GLN A 268 12.63 5.99 6.94
N ALA A 269 11.61 6.30 6.13
CA ALA A 269 11.65 7.48 5.24
C ALA A 269 11.60 8.82 5.97
N PHE A 270 10.96 8.83 7.14
CA PHE A 270 10.84 10.03 7.97
C PHE A 270 12.07 10.30 8.81
N SER A 271 12.76 9.24 9.23
CA SER A 271 13.88 9.38 10.14
C SER A 271 15.22 9.46 9.40
N ASN A 272 15.27 8.89 8.19
CA ASN A 272 16.46 8.99 7.34
C ASN A 272 16.63 10.43 6.82
N GLU A 273 17.73 11.07 7.21
CA GLU A 273 17.95 12.46 6.83
C GLU A 273 19.13 12.60 5.90
N LEU A 274 18.95 13.39 4.85
CA LEU A 274 20.02 13.70 3.88
C LEU A 274 19.64 14.89 3.00
N GLY A 276 20.58 17.29 5.87
CA GLY A 276 19.91 16.80 7.07
C GLY A 276 18.38 16.89 7.01
N GLU A 277 17.83 16.68 5.81
CA GLU A 277 16.40 16.83 5.56
C GLU A 277 15.77 15.43 5.41
N PRO A 278 14.58 15.20 6.03
CA PRO A 278 14.01 13.84 5.91
C PRO A 278 13.87 13.40 4.45
N TYR A 279 14.20 12.15 4.21
CA TYR A 279 14.14 11.58 2.87
C TYR A 279 12.76 11.71 2.22
N VAL A 280 11.70 11.48 3.00
CA VAL A 280 10.34 11.62 2.49
C VAL A 280 10.04 13.05 2.02
N GLU A 281 10.66 14.02 2.71
CA GLU A 281 10.51 15.44 2.38
C GLU A 281 11.24 15.77 1.07
N ILE A 282 12.45 15.24 0.92
CA ILE A 282 13.21 15.35 -0.32
C ILE A 282 12.39 14.88 -1.51
N LEU A 283 11.75 13.70 -1.36
CA LEU A 283 10.95 13.14 -2.44
C LEU A 283 9.68 13.91 -2.72
N LYS A 284 8.95 14.29 -1.67
CA LYS A 284 7.72 15.05 -1.85
C LYS A 284 8.05 16.31 -2.66
N ASN A 285 9.15 16.97 -2.35
CA ASN A 285 9.54 18.22 -3.00
C ASN A 285 9.97 18.03 -4.46
N LEU A 286 10.66 16.92 -4.74
CA LEU A 286 11.03 16.62 -6.12
C LEU A 286 9.80 16.36 -6.99
N LEU A 287 8.79 15.71 -6.39
CA LEU A 287 7.54 15.46 -7.09
C LEU A 287 6.80 16.75 -7.47
N THR A 288 6.69 17.66 -6.51
CA THR A 288 5.97 18.91 -6.73
C THR A 288 6.72 19.80 -7.74
N SER A 289 8.06 19.81 -7.65
CA SER A 289 8.93 20.55 -8.58
C SER A 289 8.84 20.05 -10.02
N ALA A 290 8.63 18.75 -10.20
CA ALA A 290 8.49 18.14 -11.51
C ALA A 290 7.13 18.45 -12.11
N SER A 291 6.11 18.55 -11.24
CA SER A 291 4.73 18.82 -11.61
C SER A 291 4.59 20.15 -12.34
C1 GOL B . 5.57 -8.22 -3.09
O1 GOL B . 4.25 -8.40 -3.58
C2 GOL B . 5.70 -6.89 -2.36
O2 GOL B . 6.57 -7.14 -1.23
C3 GOL B . 6.25 -5.79 -3.29
O3 GOL B . 6.59 -4.63 -2.55
C1 GOL C . 9.11 -5.88 1.93
O1 GOL C . 9.90 -4.78 1.44
C2 GOL C . 7.71 -5.36 2.30
O2 GOL C . 6.75 -5.47 1.21
C3 GOL C . 7.21 -6.06 3.57
O3 GOL C . 7.07 -7.48 3.42
#